data_2DUR
#
_entry.id   2DUR
#
_cell.length_a   171.200
_cell.length_b   45.500
_cell.length_c   117.400
_cell.angle_alpha   90.00
_cell.angle_beta   132.70
_cell.angle_gamma   90.00
#
_symmetry.space_group_name_H-M   'C 1 2 1'
#
loop_
_entity.id
_entity.type
_entity.pdbx_description
1 polymer 'Vesicular integral-membrane protein VIP36'
2 branched alpha-D-mannopyranose-(1-2)-alpha-D-mannopyranose
3 non-polymer 'CALCIUM ION'
4 non-polymer 'CHLORIDE ION'
5 non-polymer GLYCEROL
6 water water
#
_entity_poly.entity_id   1
_entity_poly.type   'polypeptide(L)'
_entity_poly.pdbx_seq_one_letter_code
;GSSEHLKREHSLIKPYQGVGSSSMPLWDFQGSTILTSQYVRLTPDERSKEGSIWNHQPCFLKDWEMHVHFKVHGTGKKNL
HGDGIALWYTRDRLVPGPVFGSKDNFHGLAIFLDTYPNDETTERVFPYISVMVNNGSLSYDHSKDGRWTELAGCTADFRN
RDHDTFLAVRYSRGRLTVMTDLEDKNEWKNCIDITGVRLPTGYYFGASAGTGDLSDNHDIISMKLFQLMVEHTPDEENID
WTKIEPSVNFLKS
;
_entity_poly.pdbx_strand_id   A,B
#
# COMPACT_ATOMS: atom_id res chain seq x y z
N SER A 3 -23.62 -16.49 -0.91
CA SER A 3 -23.03 -15.46 -0.02
C SER A 3 -23.00 -15.90 1.46
N GLU A 4 -23.68 -17.02 1.75
CA GLU A 4 -23.64 -17.63 3.09
C GLU A 4 -22.21 -17.96 3.56
N HIS A 5 -21.35 -18.31 2.60
CA HIS A 5 -19.99 -18.74 2.89
C HIS A 5 -18.96 -17.71 2.44
N LEU A 6 -19.45 -16.53 2.02
CA LEU A 6 -18.55 -15.39 1.77
C LEU A 6 -17.73 -15.04 3.00
N LYS A 7 -16.42 -14.90 2.84
CA LYS A 7 -15.57 -14.48 3.95
C LYS A 7 -15.18 -13.03 3.74
N ARG A 8 -15.90 -12.12 4.39
CA ARG A 8 -15.74 -10.70 4.02
C ARG A 8 -14.33 -10.17 4.29
N GLU A 9 -13.66 -10.72 5.29
CA GLU A 9 -12.36 -10.24 5.71
C GLU A 9 -11.25 -10.58 4.68
N HIS A 10 -11.56 -11.55 3.82
CA HIS A 10 -10.65 -11.95 2.74
C HIS A 10 -11.13 -11.48 1.38
N SER A 11 -12.07 -10.54 1.37
CA SER A 11 -12.65 -10.06 0.13
C SER A 11 -12.44 -8.57 -0.02
N LEU A 12 -12.47 -8.13 -1.28
CA LEU A 12 -12.31 -6.73 -1.64
C LEU A 12 -13.59 -6.38 -2.39
N ILE A 13 -14.43 -5.53 -1.80
CA ILE A 13 -15.74 -5.26 -2.40
C ILE A 13 -16.01 -3.76 -2.30
N LYS A 14 -16.45 -3.15 -3.40
CA LYS A 14 -16.74 -1.70 -3.39
C LYS A 14 -17.77 -1.38 -2.30
N PRO A 15 -17.60 -0.23 -1.60
CA PRO A 15 -16.71 0.88 -1.94
C PRO A 15 -15.30 0.76 -1.33
N TYR A 16 -14.95 -0.46 -0.93
CA TYR A 16 -13.67 -0.80 -0.36
C TYR A 16 -13.57 -0.26 1.05
N GLN A 17 -13.67 -1.18 1.99
CA GLN A 17 -13.79 -0.83 3.39
C GLN A 17 -12.63 0.06 3.87
N GLY A 18 -12.98 1.16 4.53
CA GLY A 18 -11.97 2.00 5.18
C GLY A 18 -11.17 2.91 4.27
N VAL A 19 -11.53 2.96 2.99
CA VAL A 19 -10.84 3.83 2.05
C VAL A 19 -11.46 5.22 2.12
N GLY A 20 -12.78 5.26 1.98
CA GLY A 20 -13.53 6.52 1.98
C GLY A 20 -14.31 6.79 3.26
N SER A 21 -13.92 6.14 4.36
CA SER A 21 -14.61 6.33 5.64
C SER A 21 -13.68 6.11 6.82
N SER A 22 -14.22 6.29 8.02
CA SER A 22 -13.44 6.11 9.24
C SER A 22 -13.19 4.63 9.55
N SER A 23 -13.85 3.74 8.81
CA SER A 23 -13.71 2.29 9.00
C SER A 23 -12.24 1.83 8.80
N MET A 24 -11.92 0.63 9.27
CA MET A 24 -10.60 0.01 9.10
C MET A 24 -10.51 -0.71 7.74
N PRO A 25 -9.42 -0.47 6.99
CA PRO A 25 -9.36 -1.17 5.70
C PRO A 25 -9.03 -2.65 5.90
N LEU A 26 -9.36 -3.44 4.88
CA LEU A 26 -9.05 -4.88 4.89
C LEU A 26 -7.86 -5.22 3.99
N TRP A 27 -7.38 -4.24 3.21
CA TRP A 27 -6.29 -4.44 2.26
C TRP A 27 -5.33 -3.27 2.33
N ASP A 28 -4.04 -3.54 2.09
CA ASP A 28 -3.02 -2.52 1.91
C ASP A 28 -2.89 -2.28 0.40
N PHE A 29 -2.79 -1.01 0.02
CA PHE A 29 -2.70 -0.59 -1.38
C PHE A 29 -1.28 -0.09 -1.61
N GLN A 30 -0.55 -0.75 -2.52
CA GLN A 30 0.91 -0.57 -2.62
C GLN A 30 1.33 -0.22 -4.04
N GLY A 31 2.44 0.51 -4.17
CA GLY A 31 2.94 0.80 -5.53
C GLY A 31 2.02 1.73 -6.31
N SER A 32 1.99 1.54 -7.61
CA SER A 32 1.20 2.38 -8.51
C SER A 32 -0.31 2.31 -8.28
N THR A 33 -0.75 1.36 -7.47
CA THR A 33 -2.20 1.17 -7.21
C THR A 33 -2.91 2.47 -6.81
N ILE A 34 -4.04 2.74 -7.46
CA ILE A 34 -4.95 3.79 -6.99
C ILE A 34 -6.36 3.23 -6.91
N LEU A 35 -7.24 4.00 -6.27
CA LEU A 35 -8.61 3.61 -5.99
C LEU A 35 -9.56 4.62 -6.64
N THR A 36 -10.66 4.12 -7.19
CA THR A 36 -11.87 4.92 -7.41
C THR A 36 -13.00 4.23 -6.62
N SER A 37 -14.19 4.81 -6.63
CA SER A 37 -15.34 4.20 -5.98
C SER A 37 -15.80 2.93 -6.69
N GLN A 38 -15.33 2.74 -7.93
CA GLN A 38 -15.79 1.63 -8.78
C GLN A 38 -14.76 0.52 -9.06
N TYR A 39 -13.49 0.81 -8.87
CA TYR A 39 -12.45 -0.18 -9.14
C TYR A 39 -11.17 0.17 -8.42
N VAL A 40 -10.35 -0.84 -8.20
CA VAL A 40 -8.96 -0.65 -7.78
C VAL A 40 -8.13 -0.78 -9.06
N ARG A 41 -7.28 0.20 -9.35
CA ARG A 41 -6.49 0.12 -10.57
C ARG A 41 -5.06 -0.11 -10.16
N LEU A 42 -4.55 -1.32 -10.43
CA LEU A 42 -3.20 -1.68 -10.03
C LEU A 42 -2.14 -0.89 -10.82
N THR A 43 -2.34 -0.76 -12.12
CA THR A 43 -1.51 0.13 -12.95
C THR A 43 -2.41 0.90 -13.92
N PRO A 44 -2.03 2.15 -14.23
CA PRO A 44 -2.64 2.80 -15.36
C PRO A 44 -1.98 2.31 -16.64
N ASP A 45 -2.48 2.79 -17.77
CA ASP A 45 -1.97 2.46 -19.09
C ASP A 45 -0.75 3.34 -19.36
N GLU A 46 0.22 3.23 -18.47
CA GLU A 46 1.47 3.99 -18.58
C GLU A 46 2.63 3.03 -18.34
N ARG A 47 3.81 3.43 -18.77
CA ARG A 47 4.97 2.55 -18.76
C ARG A 47 5.63 2.48 -17.39
N SER A 48 6.31 1.36 -17.15
CA SER A 48 7.14 1.17 -15.95
C SER A 48 6.40 1.42 -14.65
N LYS A 49 5.28 0.72 -14.47
CA LYS A 49 4.49 0.78 -13.25
C LYS A 49 4.39 -0.61 -12.61
N GLU A 50 4.33 -0.62 -11.28
CA GLU A 50 4.10 -1.85 -10.53
CA GLU A 50 4.13 -1.85 -10.50
C GLU A 50 3.22 -1.54 -9.35
N GLY A 51 2.09 -2.25 -9.24
CA GLY A 51 1.16 -1.96 -8.13
C GLY A 51 0.64 -3.26 -7.57
N SER A 52 0.28 -3.26 -6.29
CA SER A 52 -0.27 -4.46 -5.68
C SER A 52 -1.30 -4.10 -4.63
N ILE A 53 -2.07 -5.11 -4.21
CA ILE A 53 -2.95 -5.02 -3.06
C ILE A 53 -2.74 -6.31 -2.26
N TRP A 54 -2.76 -6.18 -0.94
CA TRP A 54 -2.46 -7.31 -0.07
C TRP A 54 -3.47 -7.35 1.07
N ASN A 55 -4.10 -8.50 1.26
CA ASN A 55 -5.13 -8.66 2.32
C ASN A 55 -4.45 -8.59 3.67
N HIS A 56 -5.10 -7.95 4.65
CA HIS A 56 -4.52 -7.78 5.99
C HIS A 56 -4.31 -9.06 6.76
N GLN A 57 -5.30 -9.94 6.74
CA GLN A 57 -5.29 -11.13 7.58
C GLN A 57 -4.90 -12.37 6.80
N PRO A 58 -4.02 -13.21 7.39
CA PRO A 58 -3.72 -14.50 6.77
C PRO A 58 -5.00 -15.33 6.66
N CYS A 59 -5.08 -16.14 5.59
CA CYS A 59 -6.21 -17.04 5.40
C CYS A 59 -5.93 -18.42 6.02
N PHE A 60 -6.80 -18.85 6.95
CA PHE A 60 -6.63 -20.17 7.57
C PHE A 60 -7.66 -21.19 7.09
N LEU A 61 -8.40 -20.85 6.04
CA LEU A 61 -9.31 -21.80 5.39
C LEU A 61 -8.53 -22.88 4.64
N LYS A 62 -8.88 -24.15 4.85
CA LYS A 62 -8.27 -25.22 4.08
C LYS A 62 -8.89 -25.37 2.69
N ASP A 63 -10.17 -25.03 2.57
CA ASP A 63 -10.89 -25.23 1.31
C ASP A 63 -11.59 -23.93 0.93
N TRP A 64 -11.19 -23.37 -0.22
CA TRP A 64 -11.68 -22.05 -0.58
C TRP A 64 -11.83 -21.84 -2.07
N GLU A 65 -12.59 -20.82 -2.44
CA GLU A 65 -12.72 -20.48 -3.84
C GLU A 65 -12.76 -18.98 -3.92
N MET A 66 -11.82 -18.42 -4.69
CA MET A 66 -11.74 -16.96 -4.91
C MET A 66 -12.30 -16.58 -6.27
N HIS A 67 -13.23 -15.63 -6.30
CA HIS A 67 -13.73 -15.12 -7.56
C HIS A 67 -13.22 -13.72 -7.77
N VAL A 68 -12.61 -13.48 -8.91
CA VAL A 68 -12.01 -12.15 -9.18
C VAL A 68 -12.70 -11.54 -10.36
N HIS A 69 -13.31 -10.38 -10.15
CA HIS A 69 -13.81 -9.59 -11.25
C HIS A 69 -12.72 -8.56 -11.56
N PHE A 70 -12.12 -8.72 -12.73
CA PHE A 70 -10.97 -7.89 -13.13
C PHE A 70 -11.26 -7.26 -14.49
N LYS A 71 -10.45 -6.29 -14.87
CA LYS A 71 -10.55 -5.75 -16.22
C LYS A 71 -9.17 -5.35 -16.70
N VAL A 72 -8.74 -5.94 -17.81
CA VAL A 72 -7.49 -5.54 -18.45
C VAL A 72 -7.85 -4.86 -19.76
N HIS A 73 -7.42 -3.61 -19.89
CA HIS A 73 -7.83 -2.84 -21.05
C HIS A 73 -6.86 -1.70 -21.31
N GLY A 74 -6.67 -1.36 -22.57
CA GLY A 74 -5.82 -0.21 -22.88
C GLY A 74 -5.84 0.09 -24.36
N THR A 75 -5.03 1.05 -24.76
CA THR A 75 -5.11 1.59 -26.11
C THR A 75 -3.92 1.26 -27.01
N GLY A 76 -2.95 0.49 -26.50
CA GLY A 76 -1.81 0.09 -27.31
C GLY A 76 -2.27 -0.60 -28.58
N LYS A 77 -1.66 -0.24 -29.70
CA LYS A 77 -2.06 -0.80 -31.00
C LYS A 77 -1.41 -2.16 -31.24
N LYS A 78 -2.01 -2.93 -32.15
CA LYS A 78 -1.49 -4.25 -32.53
C LYS A 78 -1.21 -5.11 -31.29
N ASN A 79 0.02 -5.60 -31.12
CA ASN A 79 0.35 -6.40 -29.94
C ASN A 79 1.13 -5.62 -28.86
N LEU A 80 1.10 -4.29 -28.95
CA LEU A 80 1.91 -3.44 -28.07
C LEU A 80 1.24 -3.08 -26.75
N HIS A 81 1.09 -4.09 -25.91
CA HIS A 81 0.50 -3.91 -24.59
C HIS A 81 1.11 -4.95 -23.66
N GLY A 82 0.94 -4.74 -22.38
CA GLY A 82 1.46 -5.66 -21.35
C GLY A 82 1.43 -5.02 -19.96
N ASP A 83 1.88 -5.73 -18.93
CA ASP A 83 2.39 -7.11 -19.05
C ASP A 83 1.43 -8.17 -18.50
N GLY A 84 0.53 -7.75 -17.61
CA GLY A 84 -0.45 -8.66 -17.01
C GLY A 84 -0.65 -8.51 -15.51
N ILE A 85 -1.45 -9.42 -14.97
CA ILE A 85 -1.82 -9.45 -13.57
C ILE A 85 -1.32 -10.75 -12.96
N ALA A 86 -0.92 -10.71 -11.68
CA ALA A 86 -0.69 -11.94 -10.88
C ALA A 86 -1.62 -11.93 -9.68
N LEU A 87 -2.20 -13.09 -9.37
CA LEU A 87 -2.97 -13.32 -8.16
C LEU A 87 -2.12 -14.21 -7.27
N TRP A 88 -2.11 -13.92 -5.97
CA TRP A 88 -1.19 -14.52 -5.06
C TRP A 88 -1.87 -15.16 -3.88
N TYR A 89 -1.34 -16.30 -3.47
CA TYR A 89 -1.59 -16.85 -2.14
C TYR A 89 -0.24 -17.25 -1.59
N THR A 90 0.36 -16.35 -0.81
CA THR A 90 1.78 -16.45 -0.50
C THR A 90 2.13 -16.17 0.95
N ARG A 91 3.29 -16.68 1.35
CA ARG A 91 3.81 -16.47 2.69
C ARG A 91 4.00 -14.99 3.01
N ASP A 92 4.58 -14.28 2.06
CA ASP A 92 4.95 -12.88 2.24
C ASP A 92 3.96 -12.00 1.51
N ARG A 93 3.88 -10.75 1.95
CA ARG A 93 3.00 -9.78 1.36
C ARG A 93 3.77 -8.47 1.22
N LEU A 94 3.25 -7.61 0.36
CA LEU A 94 3.69 -6.20 0.18
C LEU A 94 5.00 -5.97 -0.57
N VAL A 95 5.75 -7.04 -0.88
CA VAL A 95 7.10 -6.86 -1.43
C VAL A 95 7.01 -6.73 -2.93
N PRO A 96 7.40 -5.57 -3.48
CA PRO A 96 7.35 -5.38 -4.91
C PRO A 96 8.49 -6.13 -5.59
N GLY A 97 8.35 -6.32 -6.90
CA GLY A 97 9.35 -7.07 -7.65
C GLY A 97 8.97 -7.21 -9.11
N PRO A 98 9.71 -8.04 -9.85
CA PRO A 98 9.60 -8.19 -11.29
C PRO A 98 8.50 -9.14 -11.77
N VAL A 99 7.84 -9.82 -10.83
CA VAL A 99 6.83 -10.81 -11.22
C VAL A 99 5.45 -10.14 -11.21
N PHE A 100 5.09 -9.56 -12.35
CA PHE A 100 3.88 -8.73 -12.44
C PHE A 100 3.73 -7.81 -11.23
N GLY A 101 4.82 -7.16 -10.83
CA GLY A 101 4.76 -6.19 -9.77
C GLY A 101 5.12 -6.65 -8.38
N SER A 102 5.25 -7.97 -8.15
CA SER A 102 5.54 -8.53 -6.84
C SER A 102 6.86 -9.36 -6.84
N LYS A 103 7.29 -9.78 -5.66
CA LYS A 103 8.61 -10.42 -5.48
C LYS A 103 8.71 -11.75 -6.21
N ASP A 104 9.92 -12.02 -6.69
CA ASP A 104 10.28 -13.32 -7.24
C ASP A 104 10.64 -14.24 -6.06
N ASN A 105 10.93 -15.52 -6.34
CA ASN A 105 11.40 -16.44 -5.30
C ASN A 105 10.42 -16.46 -4.13
N PHE A 106 9.14 -16.43 -4.49
CA PHE A 106 8.05 -16.39 -3.49
C PHE A 106 7.76 -17.79 -2.93
N HIS A 107 6.92 -17.83 -1.89
CA HIS A 107 6.51 -19.08 -1.26
C HIS A 107 5.00 -19.16 -1.37
N GLY A 108 4.51 -20.17 -2.08
CA GLY A 108 3.05 -20.34 -2.28
C GLY A 108 2.67 -20.44 -3.73
N LEU A 109 1.49 -19.89 -4.02
CA LEU A 109 0.80 -20.06 -5.30
C LEU A 109 0.70 -18.75 -6.03
N ALA A 110 1.00 -18.78 -7.32
CA ALA A 110 0.74 -17.66 -8.25
C ALA A 110 -0.16 -18.12 -9.37
N ILE A 111 -1.11 -17.25 -9.74
CA ILE A 111 -1.87 -17.42 -10.96
C ILE A 111 -1.51 -16.18 -11.80
N PHE A 112 -0.91 -16.42 -12.96
CA PHE A 112 -0.48 -15.31 -13.82
C PHE A 112 -1.44 -15.16 -14.97
N LEU A 113 -1.82 -13.91 -15.27
CA LEU A 113 -2.64 -13.59 -16.45
C LEU A 113 -1.70 -12.73 -17.32
N ASP A 114 -0.97 -13.40 -18.20
CA ASP A 114 0.15 -12.79 -18.95
C ASP A 114 -0.36 -12.38 -20.32
N THR A 115 -0.26 -11.10 -20.67
CA THR A 115 -0.82 -10.58 -21.91
C THR A 115 0.20 -10.31 -23.01
N TYR A 116 1.50 -10.51 -22.73
CA TYR A 116 2.53 -10.18 -23.71
C TYR A 116 3.52 -11.33 -23.88
N PRO A 117 3.69 -11.89 -25.11
CA PRO A 117 4.67 -12.97 -25.26
C PRO A 117 6.10 -12.43 -25.32
N ASN A 118 6.82 -12.52 -24.20
CA ASN A 118 8.22 -12.11 -24.15
C ASN A 118 9.10 -13.12 -24.90
N ASP A 119 8.63 -14.36 -24.92
CA ASP A 119 9.38 -15.48 -25.50
C ASP A 119 9.30 -15.48 -27.01
N GLU A 120 10.44 -15.20 -27.63
CA GLU A 120 10.54 -15.16 -29.09
C GLU A 120 10.34 -16.51 -29.75
N THR A 121 10.49 -17.59 -28.98
CA THR A 121 10.27 -18.92 -29.52
C THR A 121 9.11 -19.63 -28.81
N THR A 122 8.16 -18.84 -28.30
CA THR A 122 6.99 -19.41 -27.63
C THR A 122 6.19 -20.37 -28.49
N GLU A 123 5.66 -21.41 -27.86
CA GLU A 123 4.70 -22.33 -28.45
C GLU A 123 3.29 -22.09 -27.91
N ARG A 124 3.11 -21.00 -27.17
CA ARG A 124 1.84 -20.66 -26.55
C ARG A 124 1.13 -19.50 -27.29
N VAL A 125 -0.20 -19.49 -27.21
CA VAL A 125 -1.01 -18.38 -27.70
C VAL A 125 -1.42 -17.47 -26.53
N PHE A 126 -1.26 -16.16 -26.71
CA PHE A 126 -1.53 -15.18 -25.64
C PHE A 126 -2.86 -14.42 -25.83
N PRO A 127 -3.44 -13.87 -24.76
CA PRO A 127 -2.98 -13.97 -23.36
C PRO A 127 -2.99 -15.39 -22.81
N TYR A 128 -2.16 -15.64 -21.81
CA TYR A 128 -1.98 -17.00 -21.32
C TYR A 128 -2.05 -16.97 -19.79
N ILE A 129 -2.93 -17.80 -19.24
CA ILE A 129 -3.13 -17.87 -17.80
C ILE A 129 -2.43 -19.15 -17.33
N SER A 130 -1.57 -19.02 -16.34
CA SER A 130 -0.85 -20.20 -15.84
C SER A 130 -0.73 -20.18 -14.33
N VAL A 131 -0.39 -21.32 -13.74
CA VAL A 131 -0.16 -21.37 -12.31
C VAL A 131 1.30 -21.80 -12.03
N MET A 132 1.81 -21.36 -10.89
CA MET A 132 3.16 -21.67 -10.45
C MET A 132 3.11 -21.88 -8.94
N VAL A 133 3.79 -22.92 -8.46
CA VAL A 133 3.89 -23.18 -7.02
C VAL A 133 5.36 -23.13 -6.67
N ASN A 134 5.68 -22.43 -5.59
CA ASN A 134 7.08 -22.11 -5.27
C ASN A 134 7.35 -22.24 -3.80
N ASN A 135 8.58 -22.71 -3.52
N ASN A 135 8.53 -22.72 -3.41
CA ASN A 135 9.10 -22.96 -2.17
CA ASN A 135 8.91 -22.70 -1.98
C ASN A 135 10.19 -21.95 -1.81
C ASN A 135 10.25 -21.99 -1.88
N GLY A 136 10.33 -20.88 -2.61
CA GLY A 136 11.41 -19.92 -2.45
C GLY A 136 12.55 -20.10 -3.43
N SER A 137 12.73 -21.29 -3.99
CA SER A 137 13.88 -21.59 -4.84
CA SER A 137 13.89 -21.56 -4.84
C SER A 137 13.71 -21.16 -6.30
N LEU A 138 12.46 -21.08 -6.76
CA LEU A 138 12.25 -20.86 -8.19
C LEU A 138 12.16 -19.38 -8.55
N SER A 139 12.69 -19.05 -9.71
CA SER A 139 12.57 -17.73 -10.26
C SER A 139 11.65 -17.82 -11.49
N TYR A 140 10.71 -16.88 -11.58
CA TYR A 140 9.88 -16.75 -12.77
C TYR A 140 10.71 -16.09 -13.84
N ASP A 141 10.95 -16.82 -14.94
CA ASP A 141 11.76 -16.25 -16.02
C ASP A 141 10.86 -15.39 -16.91
N HIS A 142 10.83 -14.09 -16.60
CA HIS A 142 9.88 -13.19 -17.25
C HIS A 142 10.09 -13.14 -18.76
N SER A 143 11.36 -13.15 -19.15
CA SER A 143 11.70 -13.12 -20.58
C SER A 143 11.21 -14.32 -21.39
N LYS A 144 10.90 -15.44 -20.72
CA LYS A 144 10.38 -16.63 -21.40
C LYS A 144 8.96 -16.95 -20.95
N ASP A 145 8.27 -15.92 -20.42
CA ASP A 145 6.88 -16.06 -19.94
C ASP A 145 6.74 -17.23 -18.96
N GLY A 146 7.77 -17.41 -18.13
CA GLY A 146 7.77 -18.46 -17.12
C GLY A 146 7.72 -19.88 -17.63
N ARG A 147 8.27 -20.09 -18.83
CA ARG A 147 8.22 -21.38 -19.48
C ARG A 147 8.64 -22.53 -18.56
N TRP A 148 9.74 -22.32 -17.85
CA TRP A 148 10.42 -23.43 -17.16
C TRP A 148 9.74 -23.81 -15.85
N THR A 149 8.84 -22.96 -15.38
CA THR A 149 8.19 -23.15 -14.09
C THR A 149 6.65 -23.25 -14.17
N GLU A 150 6.13 -23.33 -15.39
CA GLU A 150 4.68 -23.49 -15.58
C GLU A 150 4.21 -24.87 -15.10
N LEU A 151 3.26 -24.88 -14.16
CA LEU A 151 2.63 -26.14 -13.73
C LEU A 151 1.54 -26.56 -14.70
N ALA A 152 0.74 -25.58 -15.11
CA ALA A 152 -0.38 -25.79 -16.04
C ALA A 152 -0.85 -24.42 -16.51
N GLY A 153 -1.58 -24.38 -17.60
CA GLY A 153 -2.08 -23.09 -18.09
C GLY A 153 -3.02 -23.25 -19.26
N CYS A 154 -3.53 -22.13 -19.74
CA CYS A 154 -4.44 -22.13 -20.89
C CYS A 154 -4.39 -20.76 -21.55
N THR A 155 -4.65 -20.74 -22.85
CA THR A 155 -4.85 -19.45 -23.52
CA THR A 155 -4.90 -19.49 -23.57
C THR A 155 -6.24 -18.91 -23.14
N ALA A 156 -6.34 -17.60 -22.97
CA ALA A 156 -7.60 -16.95 -22.55
C ALA A 156 -7.73 -15.54 -23.10
N ASP A 157 -8.88 -15.25 -23.74
CA ASP A 157 -9.06 -13.97 -24.42
C ASP A 157 -9.75 -13.01 -23.47
N PHE A 158 -8.99 -12.38 -22.59
CA PHE A 158 -9.61 -11.55 -21.55
C PHE A 158 -9.41 -10.04 -21.71
N ARG A 159 -8.66 -9.61 -22.71
CA ARG A 159 -8.33 -8.21 -22.84
C ARG A 159 -9.34 -7.44 -23.68
N ASN A 160 -9.70 -6.25 -23.21
CA ASN A 160 -10.49 -5.32 -24.02
C ASN A 160 -11.83 -5.91 -24.43
N ARG A 161 -12.46 -6.62 -23.49
CA ARG A 161 -13.79 -7.18 -23.76
C ARG A 161 -14.91 -6.16 -23.49
N ASP A 162 -16.04 -6.33 -24.18
CA ASP A 162 -17.18 -5.40 -24.01
C ASP A 162 -18.16 -5.72 -22.88
N HIS A 163 -17.78 -6.68 -22.04
CA HIS A 163 -18.61 -7.16 -20.95
C HIS A 163 -17.66 -7.57 -19.82
N ASP A 164 -18.21 -7.78 -18.63
CA ASP A 164 -17.40 -8.15 -17.46
C ASP A 164 -16.64 -9.46 -17.67
N THR A 165 -15.43 -9.51 -17.11
CA THR A 165 -14.56 -10.69 -17.17
C THR A 165 -14.21 -11.12 -15.75
N PHE A 166 -14.30 -12.43 -15.51
CA PHE A 166 -14.09 -13.00 -14.16
C PHE A 166 -13.18 -14.20 -14.22
N LEU A 167 -12.51 -14.42 -13.09
CA LEU A 167 -11.67 -15.64 -12.86
C LEU A 167 -12.10 -16.31 -11.58
N ALA A 168 -12.08 -17.64 -11.56
CA ALA A 168 -12.28 -18.37 -10.32
C ALA A 168 -11.06 -19.24 -10.05
N VAL A 169 -10.61 -19.23 -8.79
CA VAL A 169 -9.51 -20.08 -8.35
C VAL A 169 -10.03 -20.86 -7.15
N ARG A 170 -10.07 -22.18 -7.28
CA ARG A 170 -10.61 -23.06 -6.25
C ARG A 170 -9.47 -23.95 -5.75
N TYR A 171 -9.36 -24.07 -4.44
CA TYR A 171 -8.35 -24.94 -3.88
C TYR A 171 -8.96 -25.77 -2.76
N SER A 172 -8.91 -27.10 -2.88
CA SER A 172 -9.48 -27.98 -1.88
C SER A 172 -8.93 -29.39 -2.05
N ARG A 173 -8.44 -29.96 -0.95
CA ARG A 173 -7.95 -31.35 -0.94
C ARG A 173 -6.94 -31.61 -2.07
N GLY A 174 -6.04 -30.64 -2.26
CA GLY A 174 -4.97 -30.79 -3.23
C GLY A 174 -5.33 -30.49 -4.66
N ARG A 175 -6.62 -30.26 -4.94
CA ARG A 175 -7.08 -29.97 -6.27
C ARG A 175 -7.13 -28.47 -6.46
N LEU A 176 -6.44 -28.01 -7.50
CA LEU A 176 -6.39 -26.59 -7.85
C LEU A 176 -7.08 -26.41 -9.19
N THR A 177 -8.15 -25.62 -9.20
CA THR A 177 -8.92 -25.43 -10.43
C THR A 177 -8.98 -23.93 -10.72
N VAL A 178 -8.70 -23.58 -11.97
CA VAL A 178 -8.86 -22.20 -12.42
C VAL A 178 -9.85 -22.20 -13.56
N MET A 179 -10.90 -21.38 -13.45
CA MET A 179 -11.93 -21.26 -14.48
C MET A 179 -12.09 -19.81 -14.89
N THR A 180 -12.64 -19.59 -16.08
CA THR A 180 -12.81 -18.21 -16.57
C THR A 180 -14.28 -17.98 -16.93
N ASP A 181 -14.67 -16.71 -16.90
CA ASP A 181 -15.98 -16.27 -17.40
C ASP A 181 -15.72 -15.01 -18.21
N LEU A 182 -15.47 -15.22 -19.49
CA LEU A 182 -14.99 -14.14 -20.37
C LEU A 182 -15.90 -13.80 -21.55
N GLU A 183 -16.94 -14.62 -21.75
CA GLU A 183 -17.76 -14.60 -22.97
C GLU A 183 -19.19 -14.12 -22.74
N ASP A 184 -19.46 -13.59 -21.54
CA ASP A 184 -20.76 -13.04 -21.15
C ASP A 184 -21.85 -14.12 -21.13
N LYS A 185 -21.44 -15.34 -20.77
CA LYS A 185 -22.34 -16.50 -20.77
C LYS A 185 -22.74 -16.91 -19.36
N ASN A 186 -22.30 -16.14 -18.36
CA ASN A 186 -22.61 -16.43 -16.97
C ASN A 186 -22.23 -17.88 -16.59
N GLU A 187 -21.05 -18.30 -17.04
CA GLU A 187 -20.63 -19.69 -16.99
C GLU A 187 -19.14 -19.74 -16.70
N TRP A 188 -18.72 -20.66 -15.84
CA TRP A 188 -17.29 -20.92 -15.61
C TRP A 188 -16.78 -21.96 -16.63
N LYS A 189 -15.79 -21.59 -17.42
CA LYS A 189 -15.18 -22.49 -18.39
C LYS A 189 -13.82 -22.94 -17.86
N ASN A 190 -13.49 -24.23 -18.00
CA ASN A 190 -12.26 -24.67 -17.40
C ASN A 190 -11.02 -24.10 -18.08
N CYS A 191 -9.99 -23.87 -17.28
CA CYS A 191 -8.71 -23.40 -17.77
C CYS A 191 -7.63 -24.38 -17.29
N ILE A 192 -7.58 -24.56 -15.98
CA ILE A 192 -6.61 -25.42 -15.32
C ILE A 192 -7.38 -26.30 -14.34
N ASP A 193 -7.03 -27.59 -14.28
CA ASP A 193 -7.58 -28.46 -13.25
C ASP A 193 -6.53 -29.53 -12.95
N ILE A 194 -5.86 -29.36 -11.84
CA ILE A 194 -4.76 -30.25 -11.47
C ILE A 194 -4.86 -30.68 -10.03
N THR A 195 -4.16 -31.77 -9.69
CA THR A 195 -4.22 -32.30 -8.33
C THR A 195 -2.78 -32.46 -7.82
N GLY A 196 -2.68 -32.79 -6.54
CA GLY A 196 -1.39 -33.03 -5.89
C GLY A 196 -0.72 -31.74 -5.47
N VAL A 197 -1.48 -30.66 -5.42
CA VAL A 197 -0.93 -29.36 -5.03
C VAL A 197 -1.00 -29.20 -3.51
N ARG A 198 0.17 -29.02 -2.87
CA ARG A 198 0.27 -28.91 -1.41
C ARG A 198 0.57 -27.46 -1.03
N LEU A 199 -0.37 -26.84 -0.32
CA LEU A 199 -0.21 -25.47 0.16
C LEU A 199 -0.61 -25.39 1.62
N PRO A 200 0.13 -24.60 2.43
CA PRO A 200 -0.27 -24.42 3.83
C PRO A 200 -1.42 -23.43 4.00
N THR A 201 -2.03 -23.46 5.19
CA THR A 201 -2.90 -22.38 5.62
C THR A 201 -1.99 -21.27 6.17
N GLY A 202 -2.55 -20.07 6.39
CA GLY A 202 -1.81 -18.97 7.00
C GLY A 202 -1.11 -18.06 5.99
N TYR A 203 -1.38 -18.25 4.70
CA TYR A 203 -0.79 -17.37 3.67
C TYR A 203 -1.73 -16.19 3.36
N TYR A 204 -1.24 -15.21 2.59
CA TYR A 204 -1.98 -13.99 2.26
C TYR A 204 -2.49 -13.96 0.84
N PHE A 205 -3.73 -13.53 0.64
CA PHE A 205 -4.19 -13.25 -0.71
C PHE A 205 -3.70 -11.87 -1.15
N GLY A 206 -3.29 -11.80 -2.39
CA GLY A 206 -2.85 -10.52 -2.99
C GLY A 206 -3.09 -10.50 -4.48
N ALA A 207 -2.97 -9.31 -5.08
CA ALA A 207 -3.05 -9.19 -6.54
C ALA A 207 -2.05 -8.10 -6.90
N SER A 208 -1.43 -8.26 -8.06
CA SER A 208 -0.48 -7.26 -8.53
C SER A 208 -0.48 -7.19 -10.05
N ALA A 209 0.09 -6.11 -10.56
CA ALA A 209 0.26 -5.99 -11.99
C ALA A 209 1.48 -5.18 -12.30
N GLY A 210 1.99 -5.38 -13.51
CA GLY A 210 3.17 -4.63 -13.93
C GLY A 210 3.02 -4.20 -15.37
N THR A 211 3.66 -3.08 -15.70
CA THR A 211 3.84 -2.58 -17.07
C THR A 211 5.33 -2.29 -17.22
N GLY A 212 5.85 -2.43 -18.44
CA GLY A 212 7.28 -2.18 -18.74
C GLY A 212 7.33 -1.16 -19.85
N ASP A 213 7.95 -1.53 -20.96
CA ASP A 213 7.96 -0.68 -22.16
C ASP A 213 6.57 -0.67 -22.78
N LEU A 214 5.74 -1.64 -22.38
CA LEU A 214 4.33 -1.76 -22.83
C LEU A 214 3.42 -1.68 -21.64
N SER A 215 2.18 -1.26 -21.85
CA SER A 215 1.33 -0.99 -20.73
C SER A 215 -0.13 -1.41 -21.02
N ASP A 216 -0.93 -1.29 -19.98
CA ASP A 216 -2.39 -1.54 -20.00
C ASP A 216 -2.92 -1.08 -18.66
N ASN A 217 -4.21 -0.76 -18.61
CA ASN A 217 -4.86 -0.65 -17.33
C ASN A 217 -5.09 -2.05 -16.81
N HIS A 218 -4.72 -2.28 -15.56
CA HIS A 218 -4.97 -3.56 -14.87
C HIS A 218 -5.84 -3.26 -13.67
N ASP A 219 -7.15 -3.53 -13.78
CA ASP A 219 -8.10 -3.20 -12.70
C ASP A 219 -8.62 -4.45 -11.97
N ILE A 220 -8.82 -4.32 -10.66
CA ILE A 220 -9.54 -5.33 -9.86
C ILE A 220 -10.81 -4.67 -9.36
N ILE A 221 -11.98 -5.18 -9.78
CA ILE A 221 -13.24 -4.62 -9.31
C ILE A 221 -13.63 -5.25 -7.97
N SER A 222 -13.53 -6.57 -7.89
CA SER A 222 -13.79 -7.24 -6.63
C SER A 222 -13.01 -8.54 -6.56
N MET A 223 -12.78 -8.97 -5.33
CA MET A 223 -12.26 -10.30 -5.02
C MET A 223 -13.15 -10.83 -3.91
N LYS A 224 -13.79 -11.98 -4.17
CA LYS A 224 -14.76 -12.52 -3.23
C LYS A 224 -14.33 -13.92 -2.88
N LEU A 225 -14.01 -14.13 -1.62
CA LEU A 225 -13.47 -15.40 -1.18
C LEU A 225 -14.55 -16.17 -0.45
N PHE A 226 -14.79 -17.40 -0.90
CA PHE A 226 -15.81 -18.27 -0.30
C PHE A 226 -15.19 -19.45 0.41
N GLN A 227 -15.67 -19.75 1.62
CA GLN A 227 -15.29 -20.96 2.30
C GLN A 227 -16.09 -22.12 1.70
N LEU A 228 -15.38 -23.18 1.32
CA LEU A 228 -16.02 -24.42 0.91
C LEU A 228 -16.16 -25.31 2.14
N MET A 229 -17.36 -25.87 2.31
CA MET A 229 -17.63 -26.73 3.45
C MET A 229 -17.26 -28.16 3.03
N VAL A 230 -16.04 -28.53 3.37
CA VAL A 230 -15.47 -29.80 2.97
C VAL A 230 -15.01 -30.55 4.20
N GLU A 231 -15.42 -31.81 4.29
CA GLU A 231 -15.04 -32.65 5.40
C GLU A 231 -13.55 -32.93 5.46
N HIS A 232 -12.99 -32.79 6.66
CA HIS A 232 -11.69 -33.36 6.98
C HIS A 232 -11.84 -34.26 8.20
N THR A 233 -11.23 -35.44 8.16
CA THR A 233 -11.33 -36.37 9.30
C THR A 233 -10.47 -35.89 10.47
N PRO A 234 -10.75 -36.36 11.71
CA PRO A 234 -9.88 -36.08 12.87
C PRO A 234 -8.40 -36.32 12.61
N ASP A 235 -8.06 -37.38 11.86
CA ASP A 235 -6.69 -37.63 11.43
C ASP A 235 -6.14 -36.50 10.55
N GLU A 236 -6.89 -36.14 9.51
CA GLU A 236 -6.53 -35.02 8.63
C GLU A 236 -6.43 -33.69 9.40
N GLU A 237 -7.40 -33.43 10.29
CA GLU A 237 -7.48 -32.16 11.04
C GLU A 237 -6.35 -31.92 12.06
N ASN A 238 -5.74 -32.99 12.57
CA ASN A 238 -4.74 -32.87 13.65
C ASN A 238 -3.35 -32.34 13.24
N ILE A 239 -2.96 -32.56 11.98
CA ILE A 239 -1.67 -32.06 11.50
C ILE A 239 -1.66 -30.54 11.51
N ASP A 240 -0.48 -29.94 11.56
CA ASP A 240 -0.36 -28.49 11.55
C ASP A 240 -0.32 -27.99 10.11
N TRP A 241 -1.46 -27.53 9.62
CA TRP A 241 -1.57 -27.14 8.22
C TRP A 241 -0.80 -25.85 7.90
N THR A 242 -0.36 -25.12 8.95
CA THR A 242 0.40 -23.89 8.69
C THR A 242 1.85 -24.19 8.32
N LYS A 243 2.29 -25.42 8.56
CA LYS A 243 3.66 -25.83 8.33
C LYS A 243 3.87 -26.65 7.05
N ILE A 244 2.80 -26.86 6.26
CA ILE A 244 2.93 -27.54 4.96
C ILE A 244 3.86 -26.73 4.05
N GLU A 245 4.83 -27.39 3.45
CA GLU A 245 5.73 -26.72 2.51
C GLU A 245 5.06 -26.70 1.13
N PRO A 246 5.02 -25.53 0.48
CA PRO A 246 4.42 -25.48 -0.86
C PRO A 246 5.15 -26.45 -1.77
N SER A 247 4.40 -27.33 -2.43
CA SER A 247 5.02 -28.33 -3.31
C SER A 247 3.94 -28.94 -4.18
N VAL A 248 4.35 -29.80 -5.10
CA VAL A 248 3.41 -30.51 -5.96
C VAL A 248 3.85 -31.96 -6.04
N ASN A 249 2.93 -32.87 -5.79
CA ASN A 249 3.17 -34.29 -6.04
C ASN A 249 2.75 -34.61 -7.47
N PHE A 250 3.52 -35.44 -8.17
CA PHE A 250 3.24 -35.73 -9.58
C PHE A 250 2.95 -37.19 -9.84
N LEU A 251 1.84 -37.45 -10.53
CA LEU A 251 1.53 -38.80 -10.95
C LEU A 251 2.61 -39.31 -11.90
N LYS A 252 3.04 -40.56 -11.70
CA LYS A 252 4.07 -41.12 -12.56
C LYS A 252 3.56 -41.45 -13.97
N SER A 253 4.47 -41.44 -14.94
CA SER A 253 4.15 -41.84 -16.32
C SER A 253 3.58 -43.25 -16.37
N SER B 3 22.04 10.03 18.94
CA SER B 3 22.39 8.86 18.08
C SER B 3 22.08 7.51 18.74
N GLU B 4 22.38 7.41 20.03
CA GLU B 4 22.20 6.16 20.79
C GLU B 4 20.75 5.72 21.01
N HIS B 5 19.79 6.64 20.85
CA HIS B 5 18.36 6.32 21.01
C HIS B 5 17.57 6.36 19.69
N LEU B 6 18.29 6.37 18.57
CA LEU B 6 17.67 6.28 17.26
C LEU B 6 17.05 4.90 17.08
N LYS B 7 15.78 4.87 16.67
CA LYS B 7 15.08 3.62 16.41
C LYS B 7 15.04 3.37 14.90
N ARG B 8 15.99 2.57 14.42
CA ARG B 8 16.17 2.31 12.99
C ARG B 8 14.92 1.76 12.29
N GLU B 9 14.13 0.97 13.03
CA GLU B 9 12.92 0.33 12.48
C GLU B 9 11.79 1.33 12.18
N HIS B 10 11.92 2.53 12.74
CA HIS B 10 10.97 3.60 12.55
C HIS B 10 11.62 4.80 11.84
N SER B 11 12.77 4.55 11.21
CA SER B 11 13.53 5.60 10.53
C SER B 11 13.69 5.29 9.04
N LEU B 12 13.73 6.34 8.25
CA LEU B 12 13.85 6.25 6.79
C LEU B 12 15.15 6.96 6.41
N ILE B 13 16.13 6.19 5.93
CA ILE B 13 17.48 6.70 5.72
C ILE B 13 18.03 6.21 4.38
N LYS B 14 18.64 7.12 3.59
CA LYS B 14 19.13 6.77 2.26
C LYS B 14 20.17 5.65 2.31
N PRO B 15 20.17 4.75 1.30
CA PRO B 15 19.31 4.78 0.11
C PRO B 15 17.98 4.02 0.22
N TYR B 16 17.42 3.96 1.44
CA TYR B 16 16.05 3.51 1.66
C TYR B 16 15.87 2.04 1.30
N GLN B 17 16.76 1.20 1.85
CA GLN B 17 16.77 -0.23 1.59
C GLN B 17 16.64 -1.02 2.89
N GLY B 18 16.27 -0.31 3.96
CA GLY B 18 16.11 -0.91 5.29
C GLY B 18 15.09 -2.02 5.36
N VAL B 19 15.46 -3.10 6.06
CA VAL B 19 14.56 -4.22 6.29
C VAL B 19 14.54 -4.55 7.78
N GLY B 20 13.40 -5.07 8.23
CA GLY B 20 13.21 -5.47 9.61
C GLY B 20 13.83 -6.83 9.90
N SER B 21 13.59 -7.30 11.12
CA SER B 21 14.14 -8.57 11.59
C SER B 21 13.62 -9.80 10.81
N SER B 22 12.50 -9.64 10.12
CA SER B 22 11.96 -10.69 9.23
C SER B 22 12.28 -10.44 7.75
N SER B 23 13.21 -9.53 7.51
CA SER B 23 13.71 -9.23 6.16
C SER B 23 12.70 -8.53 5.25
N MET B 24 11.62 -7.98 5.82
CA MET B 24 10.61 -7.26 5.05
C MET B 24 10.99 -5.78 5.03
N PRO B 25 10.66 -5.06 3.93
CA PRO B 25 10.97 -3.62 3.89
C PRO B 25 10.45 -2.88 5.14
N LEU B 26 11.28 -1.96 5.65
CA LEU B 26 10.88 -1.14 6.81
C LEU B 26 9.79 -0.13 6.41
N TRP B 27 9.72 0.20 5.12
CA TRP B 27 8.74 1.16 4.63
C TRP B 27 8.12 0.63 3.35
N ASP B 28 6.83 0.89 3.18
CA ASP B 28 6.07 0.55 1.97
C ASP B 28 5.63 1.84 1.31
N PHE B 29 5.66 1.87 -0.01
CA PHE B 29 5.29 3.11 -0.72
C PHE B 29 4.13 2.88 -1.67
N GLN B 30 3.46 3.97 -2.04
CA GLN B 30 2.27 3.90 -2.87
C GLN B 30 2.13 5.21 -3.68
N GLY B 31 1.45 5.13 -4.81
CA GLY B 31 1.16 6.29 -5.66
C GLY B 31 2.35 6.65 -6.53
N SER B 32 2.59 7.95 -6.65
CA SER B 32 3.66 8.45 -7.50
C SER B 32 5.04 8.26 -6.87
N THR B 33 5.10 7.82 -5.60
CA THR B 33 6.39 7.75 -4.86
C THR B 33 7.44 6.93 -5.59
N ILE B 34 8.66 7.48 -5.62
CA ILE B 34 9.82 6.76 -6.13
C ILE B 34 10.95 6.89 -5.10
N LEU B 35 11.70 5.81 -4.94
CA LEU B 35 12.90 5.84 -4.11
C LEU B 35 14.10 6.11 -5.00
N THR B 36 14.95 7.03 -4.60
CA THR B 36 16.21 7.29 -5.32
C THR B 36 17.35 7.24 -4.30
N SER B 37 18.60 7.28 -4.77
CA SER B 37 19.73 7.21 -3.86
C SER B 37 19.81 8.38 -2.87
N GLN B 38 19.26 9.54 -3.26
CA GLN B 38 19.40 10.78 -2.47
C GLN B 38 18.11 11.27 -1.80
N TYR B 39 16.97 10.73 -2.22
CA TYR B 39 15.68 11.14 -1.67
C TYR B 39 14.56 10.19 -2.04
N VAL B 40 13.52 10.20 -1.21
CA VAL B 40 12.24 9.61 -1.57
C VAL B 40 11.40 10.75 -2.16
N ARG B 41 11.03 10.64 -3.43
CA ARG B 41 10.23 11.69 -4.02
C ARG B 41 8.76 11.24 -4.01
N LEU B 42 7.98 11.84 -3.12
CA LEU B 42 6.55 11.53 -3.03
C LEU B 42 5.77 11.92 -4.28
N THR B 43 5.98 13.16 -4.75
CA THR B 43 5.47 13.57 -6.05
C THR B 43 6.56 14.30 -6.84
N PRO B 44 6.56 14.15 -8.17
CA PRO B 44 7.37 15.02 -9.00
C PRO B 44 6.62 16.34 -9.19
N ASP B 45 7.26 17.28 -9.88
CA ASP B 45 6.71 18.62 -10.15
C ASP B 45 5.76 18.52 -11.34
N GLU B 46 4.71 17.72 -11.17
CA GLU B 46 3.74 17.43 -12.22
C GLU B 46 2.35 17.48 -11.62
N ARG B 47 1.35 17.77 -12.47
CA ARG B 47 -0.02 17.93 -12.00
C ARG B 47 -0.69 16.60 -11.63
N SER B 48 -1.61 16.67 -10.65
CA SER B 48 -2.49 15.56 -10.30
C SER B 48 -1.73 14.29 -9.93
N LYS B 49 -0.79 14.44 -9.02
CA LYS B 49 -0.02 13.32 -8.46
C LYS B 49 -0.25 13.20 -6.97
N GLU B 50 -0.22 11.97 -6.45
CA GLU B 50 -0.27 11.74 -5.01
C GLU B 50 0.59 10.55 -4.72
N GLY B 51 1.41 10.68 -3.68
CA GLY B 51 2.31 9.62 -3.26
C GLY B 51 2.42 9.53 -1.75
N SER B 52 2.70 8.32 -1.26
CA SER B 52 2.90 8.13 0.18
C SER B 52 4.04 7.18 0.46
N ILE B 53 4.48 7.17 1.70
CA ILE B 53 5.42 6.17 2.19
C ILE B 53 5.05 5.95 3.65
N TRP B 54 4.90 4.67 4.02
CA TRP B 54 4.39 4.28 5.33
C TRP B 54 5.34 3.31 6.03
N ASN B 55 5.60 3.57 7.32
CA ASN B 55 6.41 2.67 8.15
C ASN B 55 5.69 1.33 8.28
N HIS B 56 6.42 0.25 8.08
CA HIS B 56 5.79 -1.07 8.00
C HIS B 56 5.40 -1.59 9.39
N GLN B 57 6.21 -1.24 10.39
CA GLN B 57 5.99 -1.69 11.75
C GLN B 57 5.32 -0.60 12.59
N PRO B 58 4.21 -0.95 13.30
CA PRO B 58 3.58 0.04 14.20
C PRO B 58 4.55 0.51 15.29
N CYS B 59 4.32 1.71 15.79
CA CYS B 59 5.16 2.30 16.84
C CYS B 59 4.50 2.14 18.21
N PHE B 60 5.23 1.53 19.13
CA PHE B 60 4.73 1.27 20.48
C PHE B 60 5.42 2.10 21.53
N LEU B 61 6.28 3.01 21.08
CA LEU B 61 6.89 4.02 21.94
C LEU B 61 5.85 5.01 22.45
N LYS B 62 5.97 5.36 23.73
CA LYS B 62 5.04 6.30 24.36
C LYS B 62 5.56 7.72 24.23
N ASP B 63 6.87 7.85 24.14
CA ASP B 63 7.54 9.15 24.11
C ASP B 63 8.58 9.14 23.02
N TRP B 64 8.33 9.92 21.98
CA TRP B 64 9.21 9.90 20.81
C TRP B 64 9.42 11.29 20.21
N GLU B 65 10.45 11.40 19.39
CA GLU B 65 10.73 12.61 18.64
C GLU B 65 11.13 12.25 17.21
N MET B 66 10.37 12.77 16.25
CA MET B 66 10.61 12.49 14.85
C MET B 66 11.30 13.68 14.16
N HIS B 67 12.48 13.46 13.60
CA HIS B 67 13.16 14.52 12.86
C HIS B 67 13.04 14.26 11.37
N VAL B 68 12.53 15.25 10.63
CA VAL B 68 12.29 15.08 9.19
C VAL B 68 13.10 16.07 8.37
N HIS B 69 13.96 15.52 7.52
CA HIS B 69 14.70 16.28 6.54
C HIS B 69 13.90 16.09 5.25
N PHE B 70 13.33 17.20 4.77
CA PHE B 70 12.40 17.16 3.64
C PHE B 70 12.80 18.26 2.67
N LYS B 71 12.29 18.22 1.45
CA LYS B 71 12.54 19.31 0.53
C LYS B 71 11.30 19.52 -0.33
N VAL B 72 10.70 20.71 -0.25
CA VAL B 72 9.61 21.08 -1.14
C VAL B 72 10.16 22.13 -2.10
N HIS B 73 10.16 21.82 -3.40
CA HIS B 73 10.84 22.68 -4.37
C HIS B 73 10.26 22.46 -5.76
N GLY B 74 10.20 23.52 -6.55
CA GLY B 74 9.68 23.40 -7.89
C GLY B 74 9.77 24.71 -8.64
N THR B 75 9.30 24.66 -9.88
CA THR B 75 9.47 25.78 -10.79
C THR B 75 8.33 26.78 -10.73
N GLY B 76 7.20 26.39 -10.11
CA GLY B 76 6.02 27.28 -10.02
C GLY B 76 6.34 28.62 -9.39
N LYS B 77 5.91 29.70 -10.05
CA LYS B 77 6.27 31.07 -9.62
C LYS B 77 5.20 31.66 -8.76
N LYS B 78 5.59 32.62 -7.91
CA LYS B 78 4.66 33.29 -7.02
C LYS B 78 3.85 32.27 -6.21
N ASN B 79 2.51 32.33 -6.27
CA ASN B 79 1.66 31.39 -5.49
C ASN B 79 1.30 30.12 -6.24
N LEU B 80 1.87 29.95 -7.43
CA LEU B 80 1.41 28.92 -8.36
C LEU B 80 2.14 27.58 -8.22
N HIS B 81 1.96 27.00 -7.05
CA HIS B 81 2.58 25.72 -6.70
C HIS B 81 1.70 25.12 -5.62
N GLY B 82 1.85 23.82 -5.39
CA GLY B 82 1.06 23.15 -4.34
C GLY B 82 1.27 21.63 -4.47
N ASP B 83 0.63 20.83 -3.62
CA ASP B 83 -0.28 21.31 -2.58
C ASP B 83 0.35 21.23 -1.20
N GLY B 84 1.27 20.29 -1.04
CA GLY B 84 2.02 20.15 0.21
C GLY B 84 2.25 18.70 0.62
N ILE B 85 2.81 18.56 1.81
CA ILE B 85 3.14 17.27 2.39
C ILE B 85 2.31 17.11 3.65
N ALA B 86 1.88 15.88 3.93
CA ALA B 86 1.35 15.56 5.26
C ALA B 86 2.25 14.53 5.91
N LEU B 87 2.48 14.70 7.21
CA LEU B 87 3.18 13.70 8.01
C LEU B 87 2.15 13.10 8.94
N TRP B 88 2.27 11.80 9.18
CA TRP B 88 1.18 11.04 9.80
C TRP B 88 1.64 10.18 10.96
N TYR B 89 0.80 10.07 11.99
CA TYR B 89 0.90 9.00 12.97
C TYR B 89 -0.54 8.52 13.17
N THR B 90 -0.91 7.48 12.42
CA THR B 90 -2.31 7.10 12.25
C THR B 90 -2.53 5.59 12.34
N ARG B 91 -3.80 5.24 12.55
CA ARG B 91 -4.19 3.84 12.74
C ARG B 91 -3.99 3.10 11.45
N ASP B 92 -4.41 3.74 10.36
CA ASP B 92 -4.42 3.09 9.04
C ASP B 92 -3.27 3.58 8.18
N ARG B 93 -2.59 2.63 7.53
CA ARG B 93 -1.49 2.92 6.63
C ARG B 93 -1.84 2.42 5.23
N LEU B 94 -1.10 2.94 4.23
CA LEU B 94 -1.32 2.60 2.83
C LEU B 94 -2.76 2.70 2.37
N VAL B 95 -3.47 3.75 2.80
CA VAL B 95 -4.77 4.05 2.24
C VAL B 95 -4.65 5.36 1.47
N PRO B 96 -4.73 5.29 0.13
CA PRO B 96 -4.68 6.51 -0.70
C PRO B 96 -5.85 7.41 -0.40
N GLY B 97 -5.70 8.71 -0.63
CA GLY B 97 -6.85 9.55 -0.50
C GLY B 97 -6.54 11.00 -0.78
N PRO B 98 -7.53 11.86 -0.58
CA PRO B 98 -7.45 13.25 -0.99
C PRO B 98 -6.77 14.18 0.01
N VAL B 99 -6.40 13.68 1.19
CA VAL B 99 -5.74 14.51 2.20
C VAL B 99 -4.24 14.40 1.96
N PHE B 100 -3.76 15.23 1.03
CA PHE B 100 -2.35 15.23 0.62
C PHE B 100 -1.90 13.80 0.32
N GLY B 101 -2.77 13.01 -0.32
CA GLY B 101 -2.38 11.63 -0.74
C GLY B 101 -2.68 10.54 0.28
N SER B 102 -3.44 10.84 1.32
CA SER B 102 -3.89 9.81 2.26
C SER B 102 -5.38 9.99 2.62
N LYS B 103 -5.97 8.96 3.23
CA LYS B 103 -7.41 8.96 3.55
C LYS B 103 -7.82 10.13 4.47
N ASP B 104 -9.02 10.63 4.21
CA ASP B 104 -9.72 11.56 5.10
C ASP B 104 -10.33 10.70 6.21
N ASN B 105 -10.95 11.33 7.20
CA ASN B 105 -11.64 10.55 8.27
C ASN B 105 -10.66 9.61 9.02
N PHE B 106 -9.41 10.03 9.12
CA PHE B 106 -8.34 9.22 9.72
C PHE B 106 -8.40 9.23 11.25
N HIS B 107 -7.70 8.26 11.86
CA HIS B 107 -7.54 8.18 13.30
C HIS B 107 -6.09 8.45 13.66
N GLY B 108 -5.84 9.54 14.40
CA GLY B 108 -4.51 9.86 14.87
C GLY B 108 -4.09 11.30 14.55
N LEU B 109 -2.79 11.48 14.37
CA LEU B 109 -2.16 12.78 14.21
C LEU B 109 -1.77 13.07 12.75
N ALA B 110 -2.04 14.29 12.29
CA ALA B 110 -1.57 14.75 10.97
C ALA B 110 -0.84 16.06 11.17
N ILE B 111 0.31 16.21 10.52
CA ILE B 111 1.00 17.49 10.49
C ILE B 111 0.99 17.90 9.02
N PHE B 112 0.31 19.01 8.70
CA PHE B 112 0.17 19.43 7.30
C PHE B 112 1.16 20.53 6.97
N LEU B 113 1.90 20.34 5.89
CA LEU B 113 2.82 21.35 5.38
C LEU B 113 2.19 21.85 4.09
N ASP B 114 1.36 22.88 4.23
CA ASP B 114 0.48 23.30 3.16
C ASP B 114 1.08 24.52 2.46
N THR B 115 1.30 24.42 1.14
CA THR B 115 1.95 25.50 0.42
C THR B 115 1.02 26.35 -0.46
N TYR B 116 -0.25 25.99 -0.53
CA TYR B 116 -1.18 26.69 -1.42
C TYR B 116 -2.43 27.14 -0.67
N PRO B 117 -2.71 28.46 -0.66
CA PRO B 117 -3.91 28.94 0.02
C PRO B 117 -5.20 28.66 -0.79
N ASN B 118 -5.92 27.60 -0.46
CA ASN B 118 -7.16 27.30 -1.16
C ASN B 118 -8.27 28.26 -0.78
N ASP B 119 -8.19 28.80 0.42
CA ASP B 119 -9.21 29.72 0.90
C ASP B 119 -8.94 31.11 0.32
N GLU B 120 -9.85 31.52 -0.57
CA GLU B 120 -9.78 32.81 -1.28
C GLU B 120 -9.53 34.01 -0.37
N THR B 121 -10.16 33.98 0.80
CA THR B 121 -10.27 35.15 1.66
C THR B 121 -9.53 34.98 2.98
N THR B 122 -8.46 34.16 2.95
CA THR B 122 -7.62 33.98 4.12
C THR B 122 -6.69 35.18 4.33
N GLU B 123 -6.38 35.47 5.59
CA GLU B 123 -5.33 36.42 5.95
C GLU B 123 -4.08 35.70 6.43
N ARG B 124 -4.11 34.37 6.39
CA ARG B 124 -2.94 33.59 6.78
C ARG B 124 -1.88 33.63 5.69
N VAL B 125 -0.63 33.69 6.12
CA VAL B 125 0.52 33.70 5.23
C VAL B 125 0.99 32.27 5.01
N PHE B 126 1.12 31.89 3.74
CA PHE B 126 1.59 30.55 3.37
C PHE B 126 3.07 30.56 2.97
N PRO B 127 3.75 29.39 3.02
CA PRO B 127 3.27 28.09 3.50
C PRO B 127 2.88 28.07 4.97
N TYR B 128 1.96 27.16 5.31
CA TYR B 128 1.43 27.10 6.65
C TYR B 128 1.51 25.67 7.16
N ILE B 129 2.13 25.51 8.33
CA ILE B 129 2.27 24.20 8.99
C ILE B 129 1.20 24.14 10.06
N SER B 130 0.35 23.11 10.00
CA SER B 130 -0.68 22.93 11.04
C SER B 130 -0.75 21.49 11.55
N VAL B 131 -1.44 21.30 12.68
CA VAL B 131 -1.67 19.96 13.23
C VAL B 131 -3.16 19.70 13.35
N MET B 132 -3.53 18.44 13.18
CA MET B 132 -4.91 18.01 13.26
C MET B 132 -4.91 16.64 13.95
N VAL B 133 -5.74 16.51 14.98
CA VAL B 133 -5.89 15.25 15.70
C VAL B 133 -7.31 14.76 15.41
N ASN B 134 -7.44 13.48 15.09
CA ASN B 134 -8.70 12.98 14.58
C ASN B 134 -9.02 11.61 15.14
N ASN B 135 -10.29 11.39 15.45
CA ASN B 135 -10.77 10.09 15.96
C ASN B 135 -11.64 9.39 14.92
N GLY B 136 -11.53 9.85 13.67
CA GLY B 136 -12.32 9.34 12.56
C GLY B 136 -13.52 10.21 12.19
N SER B 137 -13.97 11.05 13.13
CA SER B 137 -15.22 11.80 12.92
C SER B 137 -15.08 13.10 12.12
N LEU B 138 -13.85 13.60 12.01
CA LEU B 138 -13.59 14.86 11.32
C LEU B 138 -13.18 14.69 9.86
N SER B 139 -13.56 15.66 9.02
CA SER B 139 -13.14 15.71 7.63
C SER B 139 -12.21 16.90 7.41
N TYR B 140 -11.05 16.66 6.80
CA TYR B 140 -10.16 17.75 6.41
C TYR B 140 -10.79 18.50 5.24
N ASP B 141 -11.07 19.79 5.43
CA ASP B 141 -11.68 20.58 4.38
C ASP B 141 -10.60 21.25 3.54
N HIS B 142 -10.29 20.63 2.41
CA HIS B 142 -9.17 21.07 1.56
C HIS B 142 -9.40 22.48 1.04
N SER B 143 -10.65 22.77 0.66
CA SER B 143 -11.02 24.08 0.11
C SER B 143 -10.75 25.21 1.09
N LYS B 144 -10.71 24.90 2.39
CA LYS B 144 -10.49 25.91 3.42
C LYS B 144 -9.16 25.73 4.16
N ASP B 145 -8.24 24.97 3.54
CA ASP B 145 -6.94 24.66 4.13
C ASP B 145 -7.02 24.04 5.54
N GLY B 146 -8.12 23.33 5.81
CA GLY B 146 -8.33 22.64 7.08
C GLY B 146 -8.45 23.53 8.32
N ARG B 147 -8.71 24.81 8.09
CA ARG B 147 -8.69 25.81 9.17
C ARG B 147 -9.62 25.45 10.32
N TRP B 148 -10.78 24.91 9.98
CA TRP B 148 -11.83 24.66 10.97
C TRP B 148 -11.73 23.29 11.67
N THR B 149 -10.67 22.52 11.37
CA THR B 149 -10.36 21.29 12.12
C THR B 149 -8.96 21.28 12.70
N GLU B 150 -8.18 22.33 12.48
CA GLU B 150 -6.82 22.40 12.99
C GLU B 150 -6.80 22.75 14.47
N LEU B 151 -5.75 22.32 15.16
CA LEU B 151 -5.55 22.64 16.57
C LEU B 151 -4.66 23.84 16.76
N ALA B 152 -3.71 24.02 15.85
CA ALA B 152 -2.65 25.02 15.97
C ALA B 152 -1.82 24.99 14.69
N GLY B 153 -1.08 26.06 14.46
CA GLY B 153 -0.27 26.17 13.25
C GLY B 153 0.68 27.34 13.30
N CYS B 154 1.44 27.50 12.23
CA CYS B 154 2.39 28.61 12.08
C CYS B 154 2.71 28.77 10.61
N THR B 155 3.02 30.00 10.20
CA THR B 155 3.63 30.24 8.90
C THR B 155 5.07 29.77 8.96
N ALA B 156 5.54 29.12 7.89
CA ALA B 156 6.90 28.62 7.82
C ALA B 156 7.37 28.70 6.38
N ASP B 157 8.56 29.28 6.21
CA ASP B 157 9.12 29.56 4.90
C ASP B 157 10.02 28.41 4.49
N PHE B 158 9.43 27.31 4.02
CA PHE B 158 10.20 26.09 3.78
C PHE B 158 10.46 25.74 2.31
N ARG B 159 9.75 26.41 1.41
CA ARG B 159 9.83 26.08 -0.02
C ARG B 159 10.99 26.78 -0.72
N ASN B 160 11.66 26.05 -1.63
CA ASN B 160 12.73 26.59 -2.48
C ASN B 160 13.85 27.27 -1.70
N ARG B 161 14.30 26.64 -0.62
CA ARG B 161 15.41 27.17 0.17
C ARG B 161 16.76 26.67 -0.35
N ASP B 162 17.79 27.49 -0.20
CA ASP B 162 19.11 27.16 -0.78
C ASP B 162 19.93 26.20 0.10
N HIS B 163 19.34 25.78 1.20
CA HIS B 163 20.00 24.90 2.16
C HIS B 163 18.98 23.89 2.67
N ASP B 164 19.44 22.92 3.44
CA ASP B 164 18.56 21.90 4.02
C ASP B 164 17.48 22.49 4.91
N THR B 165 16.31 21.86 4.87
CA THR B 165 15.17 22.27 5.67
C THR B 165 14.68 21.09 6.48
N PHE B 166 14.50 21.31 7.78
CA PHE B 166 14.12 20.25 8.72
C PHE B 166 12.88 20.60 9.54
N LEU B 167 12.21 19.55 10.01
CA LEU B 167 11.08 19.69 10.90
C LEU B 167 11.29 18.69 12.02
N ALA B 168 10.86 19.03 13.23
CA ALA B 168 10.92 18.09 14.36
C ALA B 168 9.55 18.03 15.03
N VAL B 169 9.07 16.81 15.27
CA VAL B 169 7.81 16.58 15.94
C VAL B 169 8.10 15.78 17.20
N ARG B 170 7.76 16.36 18.34
CA ARG B 170 8.00 15.73 19.63
C ARG B 170 6.68 15.42 20.29
N TYR B 171 6.54 14.20 20.81
CA TYR B 171 5.35 13.80 21.54
C TYR B 171 5.74 13.00 22.80
N SER B 172 5.46 13.60 23.95
CA SER B 172 5.77 12.99 25.25
C SER B 172 4.84 13.56 26.31
N ARG B 173 4.19 12.67 27.06
CA ARG B 173 3.27 13.04 28.15
C ARG B 173 2.15 14.03 27.76
N GLY B 174 1.51 13.77 26.63
CA GLY B 174 0.41 14.62 26.15
C GLY B 174 0.82 15.95 25.53
N ARG B 175 2.12 16.21 25.48
CA ARG B 175 2.66 17.43 24.90
C ARG B 175 3.12 17.18 23.45
N LEU B 176 2.51 17.89 22.51
CA LEU B 176 2.88 17.82 21.10
C LEU B 176 3.59 19.10 20.67
N THR B 177 4.84 18.96 20.25
CA THR B 177 5.63 20.10 19.79
C THR B 177 6.11 19.92 18.35
N VAL B 178 5.86 20.93 17.52
CA VAL B 178 6.44 20.98 16.17
C VAL B 178 7.34 22.21 16.09
N MET B 179 8.59 22.00 15.67
CA MET B 179 9.53 23.09 15.44
C MET B 179 10.21 22.95 14.08
N THR B 180 10.70 24.07 13.55
CA THR B 180 11.35 24.07 12.24
C THR B 180 12.81 24.49 12.30
N ASP B 181 13.56 24.07 11.28
CA ASP B 181 14.94 24.51 11.08
C ASP B 181 15.10 24.77 9.59
N LEU B 182 14.81 26.00 9.19
CA LEU B 182 14.69 26.38 7.77
C LEU B 182 15.66 27.46 7.31
N GLU B 183 16.52 27.93 8.23
CA GLU B 183 17.35 29.11 7.97
C GLU B 183 18.85 28.83 7.93
N ASP B 184 19.22 27.55 8.06
CA ASP B 184 20.62 27.13 8.04
C ASP B 184 21.38 27.69 9.26
N LYS B 185 20.65 27.92 10.35
CA LYS B 185 21.24 28.48 11.57
C LYS B 185 21.49 27.41 12.64
N ASN B 186 21.43 26.14 12.25
CA ASN B 186 21.66 25.01 13.16
C ASN B 186 20.83 25.14 14.45
N GLU B 187 19.56 25.52 14.32
CA GLU B 187 18.72 25.79 15.48
C GLU B 187 17.23 25.64 15.19
N TRP B 188 16.47 25.33 16.23
CA TRP B 188 15.04 25.10 16.13
C TRP B 188 14.23 26.36 16.39
N LYS B 189 13.26 26.63 15.53
CA LYS B 189 12.34 27.75 15.71
C LYS B 189 10.97 27.24 16.10
N ASN B 190 10.34 27.91 17.06
CA ASN B 190 8.96 27.62 17.49
C ASN B 190 7.97 27.53 16.33
N CYS B 191 6.95 26.69 16.48
CA CYS B 191 5.86 26.61 15.52
C CYS B 191 4.55 26.20 16.21
N ILE B 192 4.54 25.01 16.79
CA ILE B 192 3.38 24.47 17.48
C ILE B 192 3.81 23.91 18.84
N ASP B 193 3.07 24.26 19.88
CA ASP B 193 3.26 23.65 21.20
C ASP B 193 1.94 23.61 21.95
N ILE B 194 1.41 22.40 22.11
CA ILE B 194 0.13 22.20 22.78
C ILE B 194 0.24 21.04 23.75
N THR B 195 -0.51 21.13 24.84
CA THR B 195 -0.56 20.06 25.83
C THR B 195 -1.95 19.45 25.80
N GLY B 196 -2.12 18.35 26.52
CA GLY B 196 -3.38 17.64 26.55
C GLY B 196 -3.64 16.87 25.27
N VAL B 197 -2.59 16.46 24.57
CA VAL B 197 -2.77 15.67 23.36
C VAL B 197 -2.67 14.18 23.70
N ARG B 198 -3.73 13.43 23.45
CA ARG B 198 -3.79 12.00 23.77
C ARG B 198 -3.78 11.12 22.51
N LEU B 199 -2.74 10.31 22.38
CA LEU B 199 -2.51 9.45 21.21
C LEU B 199 -2.20 8.04 21.67
N PRO B 200 -2.83 7.02 21.04
CA PRO B 200 -2.50 5.64 21.42
C PRO B 200 -1.15 5.20 20.88
N THR B 201 -0.59 4.14 21.46
CA THR B 201 0.52 3.44 20.84
C THR B 201 -0.06 2.53 19.73
N GLY B 202 0.84 2.01 18.90
CA GLY B 202 0.48 1.03 17.88
C GLY B 202 0.03 1.60 16.56
N TYR B 203 0.21 2.91 16.39
CA TYR B 203 -0.12 3.57 15.13
C TYR B 203 1.13 3.56 14.22
N TYR B 204 0.97 4.02 12.97
CA TYR B 204 2.05 3.97 11.99
C TYR B 204 2.48 5.37 11.60
N PHE B 205 3.79 5.60 11.53
CA PHE B 205 4.33 6.83 10.92
C PHE B 205 4.23 6.75 9.39
N GLY B 206 3.90 7.89 8.77
CA GLY B 206 3.94 7.94 7.31
C GLY B 206 4.14 9.37 6.84
N ALA B 207 4.34 9.51 5.53
CA ALA B 207 4.42 10.83 4.93
C ALA B 207 3.78 10.69 3.57
N SER B 208 3.07 11.73 3.15
CA SER B 208 2.45 11.72 1.85
C SER B 208 2.43 13.13 1.27
N ALA B 209 2.19 13.22 -0.03
CA ALA B 209 2.06 14.54 -0.66
C ALA B 209 1.12 14.47 -1.83
N GLY B 210 0.63 15.64 -2.26
CA GLY B 210 -0.26 15.70 -3.41
C GLY B 210 -0.02 16.97 -4.20
N THR B 211 -0.31 16.86 -5.50
CA THR B 211 -0.34 18.00 -6.41
C THR B 211 -1.69 17.97 -7.12
N GLY B 212 -2.11 19.14 -7.60
CA GLY B 212 -3.38 19.22 -8.35
C GLY B 212 -3.17 19.93 -9.67
N ASP B 213 -3.88 21.05 -9.87
CA ASP B 213 -3.60 21.94 -11.00
C ASP B 213 -2.21 22.59 -10.82
N LEU B 214 -1.75 22.68 -9.58
CA LEU B 214 -0.44 23.23 -9.27
C LEU B 214 0.41 22.12 -8.66
N SER B 215 1.72 22.28 -8.72
CA SER B 215 2.60 21.17 -8.32
C SER B 215 3.88 21.62 -7.61
N ASP B 216 4.69 20.63 -7.25
CA ASP B 216 6.01 20.82 -6.66
C ASP B 216 6.62 19.44 -6.52
N ASN B 217 7.93 19.38 -6.46
CA ASN B 217 8.59 18.15 -5.96
C ASN B 217 8.39 18.12 -4.45
N HIS B 218 7.83 17.02 -3.93
CA HIS B 218 7.71 16.85 -2.47
C HIS B 218 8.60 15.66 -2.08
N ASP B 219 9.75 15.98 -1.50
CA ASP B 219 10.78 14.98 -1.17
C ASP B 219 10.94 14.76 0.31
N ILE B 220 11.16 13.51 0.70
CA ILE B 220 11.60 13.18 2.04
C ILE B 220 13.02 12.65 1.95
N ILE B 221 13.96 13.34 2.60
CA ILE B 221 15.35 12.90 2.57
C ILE B 221 15.62 11.89 3.70
N SER B 222 15.11 12.18 4.89
CA SER B 222 15.22 11.23 6.01
C SER B 222 14.10 11.45 7.00
N MET B 223 13.70 10.39 7.66
CA MET B 223 12.87 10.49 8.85
C MET B 223 13.61 9.71 9.93
N LYS B 224 13.91 10.39 11.03
CA LYS B 224 14.71 9.79 12.08
C LYS B 224 13.92 9.85 13.37
N LEU B 225 13.60 8.67 13.90
CA LEU B 225 12.73 8.58 15.06
C LEU B 225 13.57 8.22 16.27
N PHE B 226 13.49 9.07 17.30
CA PHE B 226 14.27 8.91 18.52
C PHE B 226 13.35 8.55 19.66
N GLN B 227 13.76 7.56 20.45
CA GLN B 227 13.04 7.23 21.67
C GLN B 227 13.47 8.23 22.76
N LEU B 228 12.49 8.75 23.48
CA LEU B 228 12.77 9.64 24.62
C LEU B 228 12.68 8.83 25.90
N MET B 229 13.75 8.89 26.71
CA MET B 229 13.77 8.20 28.00
C MET B 229 12.94 9.00 29.00
N VAL B 230 11.65 8.64 29.11
CA VAL B 230 10.69 9.41 29.91
C VAL B 230 9.93 8.48 30.84
N GLU B 231 9.84 8.88 32.11
CA GLU B 231 9.24 8.05 33.14
C GLU B 231 7.72 8.13 33.14
N HIS B 232 7.10 7.03 33.57
CA HIS B 232 5.66 6.97 33.79
C HIS B 232 5.38 6.26 35.12
N THR B 233 4.26 6.60 35.76
CA THR B 233 3.86 5.96 37.01
C THR B 233 3.39 4.54 36.72
N PRO B 234 3.62 3.59 37.66
CA PRO B 234 3.07 2.24 37.53
C PRO B 234 1.54 2.23 37.36
N ASP B 235 0.90 3.34 37.74
CA ASP B 235 -0.55 3.50 37.58
C ASP B 235 -0.93 4.09 36.22
N GLU B 236 0.04 4.67 35.52
CA GLU B 236 -0.12 5.07 34.12
C GLU B 236 0.26 3.91 33.21
N GLU B 237 1.24 3.12 33.64
CA GLU B 237 1.84 2.05 32.84
C GLU B 237 0.97 0.79 32.73
N ASN B 238 -0.12 0.76 33.50
CA ASN B 238 -1.01 -0.42 33.54
C ASN B 238 -2.23 -0.33 32.64
N ILE B 239 -2.52 0.87 32.13
CA ILE B 239 -3.61 1.03 31.16
C ILE B 239 -3.15 0.50 29.79
N ASP B 240 -4.11 0.16 28.93
CA ASP B 240 -3.78 -0.29 27.58
C ASP B 240 -3.63 0.92 26.65
N TRP B 241 -2.38 1.34 26.44
CA TRP B 241 -2.08 2.52 25.64
C TRP B 241 -2.50 2.37 24.17
N THR B 242 -2.62 1.12 23.70
CA THR B 242 -3.02 0.86 22.32
C THR B 242 -4.51 1.17 22.10
N LYS B 243 -5.26 1.33 23.19
CA LYS B 243 -6.69 1.58 23.08
C LYS B 243 -7.12 3.02 23.38
N ILE B 244 -6.14 3.88 23.69
CA ILE B 244 -6.37 5.32 23.84
C ILE B 244 -7.03 5.90 22.59
N GLU B 245 -8.11 6.65 22.78
CA GLU B 245 -8.80 7.26 21.65
C GLU B 245 -8.12 8.59 21.33
N PRO B 246 -7.77 8.82 20.04
CA PRO B 246 -7.13 10.11 19.73
C PRO B 246 -8.02 11.26 20.18
N SER B 247 -7.45 12.15 20.98
CA SER B 247 -8.20 13.29 21.50
C SER B 247 -7.28 14.40 22.00
N VAL B 248 -7.85 15.59 22.13
CA VAL B 248 -7.22 16.70 22.81
C VAL B 248 -8.21 17.28 23.82
N ASN B 249 -7.71 17.74 24.96
CA ASN B 249 -8.58 18.46 25.90
C ASN B 249 -8.63 19.91 25.48
N PHE B 250 -9.85 20.39 25.28
CA PHE B 250 -10.10 21.69 24.66
C PHE B 250 -10.89 22.60 25.58
N LEU B 251 -11.12 22.14 26.81
CA LEU B 251 -11.80 22.95 27.82
C LEU B 251 -10.78 23.76 28.63
N LYS B 252 -11.20 24.97 29.04
CA LYS B 252 -10.33 25.91 29.75
C LYS B 252 -9.86 25.35 31.08
#